data_6AFK
#
_entry.id   6AFK
#
_cell.length_a   86.020
_cell.length_b   86.020
_cell.length_c   149.191
_cell.angle_alpha   90.00
_cell.angle_beta   90.00
_cell.angle_gamma   120.00
#
_symmetry.space_group_name_H-M   'P 32 2 1'
#
loop_
_entity.id
_entity.type
_entity.pdbx_description
1 polymer 'tRNA (guanine-N(1)-)-methyltransferase'
2 non-polymer S-ADENOSYLMETHIONINE
3 non-polymer N-{(3S)-1-[3-(pyridin-4-yl)-1H-pyrazol-5-yl]piperidin-3-yl}-1H-indole-2-carboxamide
4 water water
#
_entity_poly.entity_id   1
_entity_poly.type   'polypeptide(L)'
_entity_poly.pdbx_seq_one_letter_code
;MHHHHHHSSGVDLGTENLYFQSMLWVGVVSIFPEMFRAISDYGITSRAVKQGLLTLTCWNPRVYTEDRHQTVDDRPFGGG
PGMVMKIKPLEGALADARQAAGGRKAKVIYLSPQGRQLTQAGVRELAEEEALILIAGRYEGIDERFIEEHVDEEWSIGDY
VLSGGELPAMVLVDAVTRLLPGALGHADSAEEDSFTDGLLDCPHYTRPEVYADKRVPEVLLSGNHEHIRRWRLQQALGRT
WERRADLLDSRSLSGEEQKLLAEYIRQRD
;
_entity_poly.pdbx_strand_id   A,B
#
# COMPACT_ATOMS: atom_id res chain seq x y z
N GLN A 21 -24.32 8.58 15.15
CA GLN A 21 -23.14 9.43 15.46
C GLN A 21 -22.30 9.57 14.17
N SER A 22 -21.35 8.64 13.94
CA SER A 22 -20.40 8.71 12.78
C SER A 22 -20.78 7.71 11.70
N MET A 23 -20.40 8.01 10.46
CA MET A 23 -20.71 7.18 9.30
C MET A 23 -19.89 5.89 9.38
N LEU A 24 -18.58 6.03 9.53
CA LEU A 24 -17.69 4.90 9.58
C LEU A 24 -16.95 4.90 10.92
N TRP A 25 -17.07 3.77 11.61
CA TRP A 25 -16.36 3.46 12.82
C TRP A 25 -15.22 2.49 12.47
N VAL A 26 -13.98 2.87 12.77
CA VAL A 26 -12.86 1.99 12.53
C VAL A 26 -12.14 1.74 13.85
N GLY A 27 -11.93 0.45 14.15
CA GLY A 27 -11.07 0.04 15.23
C GLY A 27 -9.89 -0.71 14.68
N VAL A 28 -8.68 -0.28 15.08
CA VAL A 28 -7.50 -0.91 14.59
C VAL A 28 -6.80 -1.64 15.74
N VAL A 29 -6.48 -2.90 15.51
CA VAL A 29 -5.71 -3.68 16.41
C VAL A 29 -4.25 -3.67 15.95
N SER A 30 -3.39 -2.99 16.72
CA SER A 30 -1.98 -2.79 16.36
C SER A 30 -1.13 -2.53 17.63
N ILE A 31 0.10 -3.05 17.61
CA ILE A 31 1.04 -2.85 18.70
C ILE A 31 1.79 -1.52 18.53
N PHE A 32 1.50 -0.82 17.42
CA PHE A 32 2.06 0.51 17.16
C PHE A 32 0.92 1.48 16.89
N PRO A 33 0.08 1.79 17.89
CA PRO A 33 -1.05 2.70 17.67
C PRO A 33 -0.59 4.12 17.29
N GLU A 34 0.66 4.45 17.62
CA GLU A 34 1.27 5.77 17.41
C GLU A 34 1.43 6.05 15.90
N MET A 35 1.55 4.98 15.11
CA MET A 35 1.77 5.06 13.67
C MET A 35 0.55 5.68 13.00
N PHE A 36 -0.64 5.50 13.60
CA PHE A 36 -1.93 5.89 12.98
C PHE A 36 -2.14 7.39 13.13
N ARG A 37 -1.11 8.10 13.58
CA ARG A 37 -1.11 9.56 13.59
C ARG A 37 -1.04 10.07 12.15
N ALA A 38 -0.52 9.24 11.24
CA ALA A 38 -0.36 9.60 9.85
C ALA A 38 -1.72 9.84 9.18
N ILE A 39 -2.78 9.19 9.69
CA ILE A 39 -4.13 9.38 9.10
C ILE A 39 -5.04 10.16 10.05
N SER A 40 -4.72 10.20 11.35
CA SER A 40 -5.55 10.92 12.31
C SER A 40 -5.18 12.41 12.33
N ASP A 41 -3.90 12.73 12.08
CA ASP A 41 -3.41 14.10 12.13
C ASP A 41 -3.28 14.73 10.74
N TYR A 42 -3.54 13.99 9.65
CA TYR A 42 -3.29 14.49 8.31
C TYR A 42 -4.48 14.17 7.38
N GLY A 43 -4.70 15.07 6.40
CA GLY A 43 -5.43 14.77 5.20
C GLY A 43 -6.91 14.70 5.44
N ILE A 44 -7.64 14.02 4.54
N ILE A 44 -7.62 13.99 4.54
CA ILE A 44 -9.10 13.87 4.62
CA ILE A 44 -9.07 13.82 4.55
C ILE A 44 -9.48 12.97 5.81
C ILE A 44 -9.49 12.95 5.75
N THR A 45 -8.62 12.02 6.16
CA THR A 45 -8.89 11.15 7.27
C THR A 45 -9.00 11.99 8.55
N SER A 46 -8.03 12.88 8.77
CA SER A 46 -8.02 13.82 9.92
C SER A 46 -9.28 14.70 9.89
N ARG A 47 -9.58 15.23 8.72
CA ARG A 47 -10.69 16.13 8.46
C ARG A 47 -12.01 15.40 8.73
N ALA A 48 -12.06 14.11 8.43
CA ALA A 48 -13.28 13.33 8.60
C ALA A 48 -13.46 13.00 10.09
N VAL A 49 -12.36 12.84 10.81
CA VAL A 49 -12.41 12.59 12.24
C VAL A 49 -12.97 13.82 12.94
N LYS A 50 -12.46 15.01 12.57
CA LYS A 50 -12.89 16.24 13.19
C LYS A 50 -14.36 16.51 12.81
N GLN A 51 -14.74 16.25 11.56
CA GLN A 51 -16.12 16.42 11.10
C GLN A 51 -17.05 15.37 11.70
N GLY A 52 -16.47 14.27 12.20
CA GLY A 52 -17.23 13.19 12.83
C GLY A 52 -17.78 12.18 11.84
N LEU A 53 -17.37 12.28 10.56
CA LEU A 53 -17.65 11.26 9.55
C LEU A 53 -16.96 9.94 9.89
N LEU A 54 -15.81 10.02 10.56
CA LEU A 54 -14.93 8.90 10.78
C LEU A 54 -14.58 8.87 12.26
N THR A 55 -14.85 7.73 12.91
CA THR A 55 -14.38 7.48 14.27
C THR A 55 -13.23 6.47 14.21
N LEU A 56 -12.09 6.84 14.77
CA LEU A 56 -10.89 6.06 14.67
C LEU A 56 -10.39 5.75 16.08
N THR A 57 -10.28 4.45 16.42
CA THR A 57 -9.78 3.99 17.70
C THR A 57 -8.70 2.93 17.47
N CYS A 58 -7.81 2.80 18.45
CA CYS A 58 -6.71 1.86 18.40
C CYS A 58 -6.71 0.98 19.65
N TRP A 59 -6.28 -0.27 19.47
CA TRP A 59 -6.33 -1.31 20.45
C TRP A 59 -5.00 -2.07 20.44
N ASN A 60 -4.19 -1.83 21.47
CA ASN A 60 -2.83 -2.33 21.50
C ASN A 60 -2.85 -3.71 22.15
N PRO A 61 -2.58 -4.79 21.40
CA PRO A 61 -2.51 -6.14 21.98
C PRO A 61 -1.53 -6.23 23.15
N ARG A 62 -0.53 -5.33 23.15
CA ARG A 62 0.54 -5.25 24.13
C ARG A 62 -0.04 -4.91 25.51
N VAL A 63 -1.25 -4.34 25.53
CA VAL A 63 -1.86 -3.89 26.76
C VAL A 63 -2.68 -5.03 27.37
N TYR A 64 -3.03 -6.02 26.53
CA TYR A 64 -3.88 -7.14 26.97
C TYR A 64 -3.00 -8.38 27.21
N THR A 65 -1.74 -8.12 27.54
CA THR A 65 -0.79 -9.13 27.99
C THR A 65 -0.70 -9.10 29.52
N GLU A 66 -0.26 -10.20 30.13
CA GLU A 66 -0.19 -10.25 31.59
C GLU A 66 1.21 -10.69 32.04
N ASP A 67 2.25 -9.96 31.61
CA ASP A 67 3.62 -10.40 31.91
C ASP A 67 4.62 -9.26 31.74
N ARG A 68 5.86 -9.67 31.41
CA ARG A 68 7.16 -9.02 31.61
C ARG A 68 7.31 -7.63 30.97
N HIS A 69 7.38 -7.64 29.63
CA HIS A 69 7.53 -6.45 28.82
C HIS A 69 6.34 -6.38 27.87
N GLN A 70 5.26 -7.06 28.26
CA GLN A 70 4.05 -7.18 27.47
C GLN A 70 4.39 -7.82 26.12
N THR A 71 4.95 -9.04 26.18
CA THR A 71 5.30 -9.83 24.99
C THR A 71 4.05 -10.31 24.27
N VAL A 72 4.02 -10.21 22.94
CA VAL A 72 2.83 -10.55 22.18
C VAL A 72 3.17 -11.53 21.04
N ASP A 73 4.45 -11.88 20.92
CA ASP A 73 4.93 -12.85 19.96
C ASP A 73 5.51 -14.07 20.67
N ASP A 74 5.53 -15.22 19.96
CA ASP A 74 6.08 -16.47 20.45
C ASP A 74 6.81 -17.16 19.29
N ARG A 75 7.56 -18.23 19.59
CA ARG A 75 8.27 -19.01 18.57
C ARG A 75 7.27 -19.90 17.85
N PRO A 76 7.45 -20.12 16.53
CA PRO A 76 6.51 -20.90 15.75
C PRO A 76 6.66 -22.40 16.04
N PHE A 77 5.52 -23.09 16.16
CA PHE A 77 5.50 -24.56 16.10
C PHE A 77 6.11 -25.02 14.77
N GLY A 78 6.92 -26.08 14.86
CA GLY A 78 7.57 -26.66 13.70
C GLY A 78 8.85 -25.93 13.34
N GLY A 79 9.15 -24.86 14.08
CA GLY A 79 10.39 -24.13 13.94
C GLY A 79 10.27 -23.05 12.88
N GLY A 80 11.35 -22.86 12.12
CA GLY A 80 11.42 -21.86 11.07
C GLY A 80 11.97 -20.53 11.57
N PRO A 81 12.17 -19.54 10.69
CA PRO A 81 12.61 -18.21 11.12
C PRO A 81 11.45 -17.50 11.82
N GLY A 82 11.75 -16.39 12.47
CA GLY A 82 10.75 -15.43 12.86
C GLY A 82 9.89 -15.90 14.02
N MET A 83 8.96 -15.03 14.42
CA MET A 83 8.05 -15.23 15.51
C MET A 83 6.61 -15.10 14.99
N VAL A 84 5.64 -15.47 15.83
CA VAL A 84 4.21 -15.45 15.50
C VAL A 84 3.50 -14.66 16.58
N MET A 85 2.42 -13.96 16.23
CA MET A 85 1.67 -13.21 17.21
C MET A 85 0.76 -14.17 17.98
N LYS A 86 0.87 -14.14 19.30
CA LYS A 86 0.12 -15.02 20.17
C LYS A 86 -1.36 -14.64 20.14
N ILE A 87 -2.21 -15.62 20.46
CA ILE A 87 -3.65 -15.49 20.37
C ILE A 87 -4.15 -14.57 21.48
N LYS A 88 -3.62 -14.75 22.70
CA LYS A 88 -4.23 -14.21 23.89
C LYS A 88 -4.29 -12.69 23.79
N PRO A 89 -3.15 -12.00 23.52
CA PRO A 89 -3.15 -10.53 23.41
C PRO A 89 -4.10 -10.00 22.33
N LEU A 90 -4.04 -10.61 21.14
CA LEU A 90 -4.92 -10.30 20.01
C LEU A 90 -6.38 -10.45 20.41
N GLU A 91 -6.68 -11.51 21.17
CA GLU A 91 -8.04 -11.84 21.63
C GLU A 91 -8.58 -10.70 22.48
N GLY A 92 -7.73 -10.21 23.41
CA GLY A 92 -8.06 -9.10 24.27
C GLY A 92 -8.50 -7.90 23.45
N ALA A 93 -7.58 -7.41 22.62
CA ALA A 93 -7.77 -6.17 21.89
C ALA A 93 -9.04 -6.24 21.03
N LEU A 94 -9.28 -7.40 20.40
CA LEU A 94 -10.39 -7.58 19.46
C LEU A 94 -11.72 -7.59 20.22
N ALA A 95 -11.72 -8.23 21.41
CA ALA A 95 -12.90 -8.27 22.26
C ALA A 95 -13.26 -6.85 22.70
N ASP A 96 -12.25 -6.06 23.04
CA ASP A 96 -12.46 -4.68 23.48
C ASP A 96 -13.02 -3.86 22.32
N ALA A 97 -12.38 -3.96 21.15
CA ALA A 97 -12.83 -3.21 19.96
C ALA A 97 -14.27 -3.60 19.60
N ARG A 98 -14.61 -4.89 19.70
CA ARG A 98 -15.94 -5.37 19.36
C ARG A 98 -16.98 -4.73 20.29
N GLN A 99 -16.62 -4.64 21.57
CA GLN A 99 -17.45 -4.04 22.58
C GLN A 99 -17.61 -2.54 22.26
N ALA A 100 -16.51 -1.90 21.86
CA ALA A 100 -16.44 -0.47 21.58
C ALA A 100 -17.31 -0.09 20.37
N ALA A 101 -17.51 -1.02 19.43
CA ALA A 101 -18.30 -0.78 18.22
C ALA A 101 -19.80 -0.75 18.54
N GLY A 102 -20.17 -1.34 19.69
CA GLY A 102 -21.55 -1.31 20.16
C GLY A 102 -22.42 -2.22 19.34
N GLY A 103 -23.54 -1.68 18.87
CA GLY A 103 -24.52 -2.43 18.10
C GLY A 103 -24.34 -2.26 16.61
N ARG A 104 -23.17 -1.76 16.22
CA ARG A 104 -22.80 -1.59 14.82
C ARG A 104 -22.42 -2.94 14.24
N LYS A 105 -22.70 -3.14 12.95
CA LYS A 105 -22.29 -4.34 12.21
C LYS A 105 -20.82 -4.18 11.81
N ALA A 106 -19.92 -4.80 12.56
CA ALA A 106 -18.48 -4.62 12.35
C ALA A 106 -17.92 -5.82 11.58
N LYS A 107 -17.24 -5.55 10.45
CA LYS A 107 -16.55 -6.57 9.67
C LYS A 107 -15.12 -6.65 10.18
N VAL A 108 -14.62 -7.85 10.52
CA VAL A 108 -13.26 -7.99 11.02
C VAL A 108 -12.39 -8.37 9.81
N ILE A 109 -11.41 -7.52 9.50
CA ILE A 109 -10.54 -7.73 8.36
C ILE A 109 -9.13 -7.92 8.90
N TYR A 110 -8.47 -8.99 8.44
CA TYR A 110 -7.05 -9.14 8.62
C TYR A 110 -6.32 -8.67 7.35
N LEU A 111 -5.37 -7.75 7.52
CA LEU A 111 -4.50 -7.26 6.50
C LEU A 111 -3.37 -8.29 6.28
N SER A 112 -3.34 -8.92 5.12
CA SER A 112 -2.27 -9.88 4.83
C SER A 112 -2.12 -10.09 3.33
N PRO A 113 -0.92 -10.48 2.86
CA PRO A 113 -0.70 -10.73 1.44
C PRO A 113 -1.48 -11.93 0.89
N GLN A 114 -1.99 -12.78 1.80
CA GLN A 114 -2.84 -13.94 1.46
C GLN A 114 -4.29 -13.53 1.19
N GLY A 115 -4.60 -12.24 1.35
CA GLY A 115 -5.95 -11.73 1.24
C GLY A 115 -6.30 -11.36 -0.18
N ARG A 116 -7.57 -11.05 -0.38
CA ARG A 116 -8.09 -10.53 -1.62
C ARG A 116 -7.38 -9.20 -1.91
N GLN A 117 -7.02 -9.00 -3.19
CA GLN A 117 -6.39 -7.77 -3.64
C GLN A 117 -7.38 -6.62 -3.52
N LEU A 118 -6.95 -5.55 -2.84
CA LEU A 118 -7.70 -4.32 -2.77
C LEU A 118 -7.67 -3.63 -4.14
N THR A 119 -8.85 -3.26 -4.63
CA THR A 119 -9.00 -2.49 -5.82
C THR A 119 -10.05 -1.43 -5.53
N GLN A 120 -10.25 -0.50 -6.47
CA GLN A 120 -11.19 0.59 -6.22
C GLN A 120 -12.59 0.03 -6.04
N ALA A 121 -12.93 -1.03 -6.78
CA ALA A 121 -14.22 -1.72 -6.64
C ALA A 121 -14.37 -2.21 -5.19
N GLY A 122 -13.31 -2.85 -4.68
CA GLY A 122 -13.28 -3.39 -3.32
C GLY A 122 -13.39 -2.30 -2.27
N VAL A 123 -12.88 -1.11 -2.61
CA VAL A 123 -12.88 0.02 -1.71
C VAL A 123 -14.31 0.53 -1.57
N ARG A 124 -15.03 0.64 -2.71
CA ARG A 124 -16.40 1.13 -2.73
C ARG A 124 -17.30 0.22 -1.86
N GLU A 125 -17.03 -1.09 -1.93
CA GLU A 125 -17.79 -2.08 -1.17
C GLU A 125 -17.53 -1.89 0.31
N LEU A 126 -16.26 -1.68 0.64
CA LEU A 126 -15.82 -1.58 2.01
C LEU A 126 -16.37 -0.30 2.64
N ALA A 127 -16.65 0.70 1.79
CA ALA A 127 -17.14 2.01 2.24
C ALA A 127 -18.62 1.97 2.61
N GLU A 128 -19.28 0.83 2.37
CA GLU A 128 -20.68 0.68 2.70
C GLU A 128 -20.81 0.10 4.11
N GLU A 129 -19.71 -0.24 4.76
CA GLU A 129 -19.77 -0.80 6.09
C GLU A 129 -19.96 0.33 7.11
N GLU A 130 -20.57 -0.01 8.24
CA GLU A 130 -20.78 0.94 9.31
C GLU A 130 -19.61 0.84 10.30
N ALA A 131 -18.98 -0.33 10.42
CA ALA A 131 -17.81 -0.49 11.27
C ALA A 131 -16.84 -1.50 10.66
N LEU A 132 -15.54 -1.19 10.76
CA LEU A 132 -14.45 -2.11 10.40
C LEU A 132 -13.54 -2.26 11.62
N ILE A 133 -13.15 -3.50 11.91
CA ILE A 133 -12.06 -3.76 12.81
C ILE A 133 -10.91 -4.33 11.99
N LEU A 134 -9.77 -3.63 12.01
CA LEU A 134 -8.64 -4.00 11.18
C LEU A 134 -7.55 -4.59 12.07
N ILE A 135 -7.12 -5.82 11.77
CA ILE A 135 -6.03 -6.44 12.50
C ILE A 135 -4.76 -6.25 11.69
N ALA A 136 -3.80 -5.55 12.30
CA ALA A 136 -2.48 -5.40 11.78
C ALA A 136 -1.57 -6.42 12.46
N GLY A 137 -1.03 -7.33 11.65
CA GLY A 137 -0.11 -8.31 12.11
C GLY A 137 1.29 -7.75 12.15
N ARG A 138 2.17 -8.42 12.90
CA ARG A 138 3.60 -8.21 12.82
C ARG A 138 4.27 -9.59 12.69
N TYR A 139 5.60 -9.60 12.61
CA TYR A 139 6.38 -10.84 12.57
C TYR A 139 5.98 -11.67 11.33
N GLU A 140 5.78 -12.98 11.51
CA GLU A 140 5.44 -13.89 10.42
C GLU A 140 3.94 -13.91 10.18
N GLY A 141 3.17 -13.42 11.16
CA GLY A 141 1.76 -13.36 11.06
C GLY A 141 1.11 -13.71 12.38
N ILE A 142 -0.19 -13.89 12.35
CA ILE A 142 -0.92 -14.29 13.49
C ILE A 142 -1.27 -15.77 13.34
N ASP A 143 -1.64 -16.39 14.46
CA ASP A 143 -1.98 -17.78 14.52
C ASP A 143 -3.15 -18.07 13.58
N GLU A 144 -3.04 -19.16 12.81
CA GLU A 144 -4.05 -19.48 11.81
C GLU A 144 -5.39 -19.75 12.51
N ARG A 145 -5.35 -20.25 13.74
CA ARG A 145 -6.56 -20.59 14.49
C ARG A 145 -7.30 -19.32 14.88
N PHE A 146 -6.58 -18.23 15.11
CA PHE A 146 -7.21 -16.96 15.42
C PHE A 146 -7.98 -16.50 14.18
N ILE A 147 -7.33 -16.61 13.01
CA ILE A 147 -7.93 -16.17 11.74
C ILE A 147 -9.19 -16.98 11.46
N GLU A 148 -9.07 -18.32 11.57
CA GLU A 148 -10.20 -19.27 11.39
C GLU A 148 -11.41 -18.81 12.21
N GLU A 149 -11.14 -18.38 13.45
CA GLU A 149 -12.14 -18.15 14.48
C GLU A 149 -12.75 -16.74 14.37
N HIS A 150 -11.92 -15.70 14.19
CA HIS A 150 -12.35 -14.32 14.47
C HIS A 150 -12.43 -13.45 13.20
N VAL A 151 -11.72 -13.83 12.14
CA VAL A 151 -11.55 -12.93 11.02
C VAL A 151 -12.62 -13.25 9.97
N ASP A 152 -13.34 -12.21 9.53
CA ASP A 152 -14.39 -12.32 8.50
C ASP A 152 -13.79 -12.34 7.09
N GLU A 153 -12.81 -11.44 6.83
CA GLU A 153 -12.27 -11.21 5.45
C GLU A 153 -10.77 -10.93 5.55
N GLU A 154 -10.01 -11.44 4.56
CA GLU A 154 -8.59 -11.12 4.43
C GLU A 154 -8.40 -10.25 3.20
N TRP A 155 -7.70 -9.12 3.36
CA TRP A 155 -7.43 -8.15 2.29
C TRP A 155 -5.93 -7.87 2.19
N SER A 156 -5.46 -7.73 0.95
CA SER A 156 -4.09 -7.40 0.61
C SER A 156 -4.09 -6.07 -0.14
N ILE A 157 -3.08 -5.22 0.09
CA ILE A 157 -2.98 -3.95 -0.65
C ILE A 157 -2.11 -4.16 -1.89
N GLY A 158 -1.38 -5.27 -1.96
CA GLY A 158 -0.64 -5.62 -3.18
C GLY A 158 0.26 -6.82 -2.98
N ASP A 159 0.89 -7.26 -4.06
CA ASP A 159 1.72 -8.48 -4.07
C ASP A 159 3.15 -8.12 -3.69
N TYR A 160 3.32 -7.68 -2.45
CA TYR A 160 4.63 -7.39 -1.87
C TYR A 160 4.49 -7.62 -0.37
N VAL A 161 5.61 -7.77 0.33
CA VAL A 161 5.61 -8.06 1.74
C VAL A 161 6.13 -6.85 2.51
N LEU A 162 5.32 -6.43 3.48
CA LEU A 162 5.67 -5.36 4.42
C LEU A 162 5.95 -5.99 5.79
N SER A 163 6.60 -5.22 6.65
CA SER A 163 7.03 -5.66 7.97
C SER A 163 5.85 -5.78 8.95
N GLY A 164 4.74 -5.11 8.63
CA GLY A 164 3.52 -5.20 9.42
C GLY A 164 2.32 -4.67 8.66
N GLY A 165 1.16 -4.73 9.30
CA GLY A 165 -0.10 -4.38 8.63
C GLY A 165 -0.61 -2.98 8.92
N GLU A 166 0.21 -2.16 9.57
CA GLU A 166 -0.22 -0.82 9.95
C GLU A 166 -0.40 0.06 8.71
N LEU A 167 0.60 0.08 7.82
CA LEU A 167 0.52 0.87 6.60
C LEU A 167 -0.62 0.36 5.71
N PRO A 168 -0.76 -0.97 5.46
CA PRO A 168 -1.89 -1.48 4.71
C PRO A 168 -3.24 -1.04 5.25
N ALA A 169 -3.41 -1.12 6.59
CA ALA A 169 -4.62 -0.65 7.26
C ALA A 169 -4.89 0.81 6.92
N MET A 170 -3.84 1.64 6.98
CA MET A 170 -3.98 3.08 6.81
C MET A 170 -4.29 3.41 5.35
N VAL A 171 -3.68 2.65 4.43
CA VAL A 171 -4.00 2.73 3.01
C VAL A 171 -5.49 2.48 2.82
N LEU A 172 -5.97 1.35 3.37
CA LEU A 172 -7.37 0.95 3.23
C LEU A 172 -8.28 2.09 3.75
N VAL A 173 -8.01 2.59 4.96
CA VAL A 173 -8.85 3.63 5.59
C VAL A 173 -8.84 4.90 4.74
N ASP A 174 -7.67 5.29 4.21
CA ASP A 174 -7.56 6.51 3.40
C ASP A 174 -8.45 6.38 2.16
N ALA A 175 -8.32 5.27 1.42
CA ALA A 175 -9.08 5.04 0.16
C ALA A 175 -10.58 5.03 0.43
N VAL A 176 -10.99 4.39 1.53
CA VAL A 176 -12.37 4.23 1.86
C VAL A 176 -12.95 5.56 2.33
N THR A 177 -12.17 6.31 3.12
CA THR A 177 -12.63 7.55 3.71
C THR A 177 -12.92 8.59 2.61
N ARG A 178 -12.21 8.49 1.48
CA ARG A 178 -12.34 9.43 0.36
C ARG A 178 -13.76 9.38 -0.23
N LEU A 179 -14.40 8.21 -0.14
CA LEU A 179 -15.69 7.93 -0.76
C LEU A 179 -16.83 8.25 0.19
N LEU A 180 -16.53 8.57 1.44
CA LEU A 180 -17.58 8.89 2.40
C LEU A 180 -18.26 10.20 1.97
N PRO A 181 -19.62 10.25 2.00
CA PRO A 181 -20.35 11.44 1.58
C PRO A 181 -19.91 12.69 2.35
N GLY A 182 -19.50 13.73 1.61
CA GLY A 182 -19.13 15.02 2.18
C GLY A 182 -17.73 15.00 2.80
N ALA A 183 -16.88 14.10 2.31
CA ALA A 183 -15.50 14.03 2.72
C ALA A 183 -14.68 14.99 1.86
N LEU A 184 -14.75 14.81 0.55
CA LEU A 184 -14.04 15.65 -0.41
C LEU A 184 -14.72 17.03 -0.50
N ASP A 197 -13.08 5.16 -12.49
CA ASP A 197 -14.11 4.57 -13.33
C ASP A 197 -13.49 3.49 -14.24
N GLY A 198 -12.33 2.96 -13.83
CA GLY A 198 -11.58 1.96 -14.61
C GLY A 198 -10.62 2.58 -15.63
N LEU A 199 -10.51 3.93 -15.65
CA LEU A 199 -9.56 4.66 -16.52
C LEU A 199 -8.39 5.20 -15.67
N LEU A 200 -7.25 5.42 -16.34
CA LEU A 200 -6.16 6.20 -15.77
C LEU A 200 -6.49 7.70 -15.91
N ASP A 201 -5.70 8.54 -15.25
CA ASP A 201 -5.95 9.95 -15.19
C ASP A 201 -5.29 10.64 -16.40
N CYS A 202 -5.85 11.81 -16.77
CA CYS A 202 -5.25 12.75 -17.74
C CYS A 202 -4.07 13.48 -17.09
N PRO A 203 -3.17 14.12 -17.86
CA PRO A 203 -2.12 14.95 -17.27
C PRO A 203 -2.73 16.23 -16.66
N HIS A 204 -2.02 16.81 -15.71
CA HIS A 204 -2.47 18.00 -15.02
C HIS A 204 -1.43 19.10 -15.20
N TYR A 205 -1.91 20.33 -15.35
CA TYR A 205 -1.08 21.49 -15.57
C TYR A 205 -1.58 22.64 -14.68
N THR A 206 -0.63 23.48 -14.25
CA THR A 206 -0.90 24.66 -13.47
C THR A 206 0.24 25.65 -13.71
N ARG A 207 0.15 26.82 -13.03
CA ARG A 207 0.99 27.97 -13.29
C ARG A 207 2.46 27.58 -13.16
N PRO A 208 3.32 28.13 -14.03
CA PRO A 208 2.95 29.13 -15.02
C PRO A 208 2.56 28.50 -16.37
N GLU A 209 2.06 29.33 -17.28
CA GLU A 209 1.69 28.92 -18.65
C GLU A 209 2.90 28.32 -19.37
N VAL A 210 4.06 28.96 -19.23
CA VAL A 210 5.29 28.47 -19.84
C VAL A 210 6.36 28.37 -18.76
N TYR A 211 7.11 27.27 -18.77
CA TYR A 211 8.14 27.02 -17.80
C TYR A 211 9.31 26.31 -18.50
N ALA A 212 10.45 27.01 -18.59
CA ALA A 212 11.63 26.50 -19.27
C ALA A 212 11.27 26.02 -20.69
N ASP A 213 10.52 26.85 -21.43
CA ASP A 213 10.11 26.60 -22.82
C ASP A 213 9.38 25.25 -22.96
N LYS A 214 8.52 25.01 -21.97
CA LYS A 214 7.53 23.96 -21.95
C LYS A 214 6.19 24.63 -21.62
N ARG A 215 5.31 24.69 -22.63
CA ARG A 215 4.05 25.39 -22.52
C ARG A 215 2.95 24.36 -22.23
N VAL A 216 1.92 24.82 -21.53
CA VAL A 216 0.74 24.07 -21.25
C VAL A 216 -0.05 23.89 -22.55
N PRO A 217 -0.69 22.71 -22.78
CA PRO A 217 -1.56 22.53 -23.93
C PRO A 217 -2.55 23.67 -24.13
N GLU A 218 -2.66 24.16 -25.38
CA GLU A 218 -3.49 25.31 -25.74
C GLU A 218 -4.94 25.05 -25.34
N VAL A 219 -5.40 23.81 -25.53
CA VAL A 219 -6.79 23.46 -25.31
C VAL A 219 -7.22 23.84 -23.87
N LEU A 220 -6.28 23.79 -22.92
CA LEU A 220 -6.58 24.05 -21.49
C LEU A 220 -6.58 25.56 -21.20
N LEU A 221 -6.05 26.35 -22.15
CA LEU A 221 -5.98 27.80 -22.03
C LEU A 221 -7.18 28.45 -22.74
N SER A 222 -7.69 27.85 -23.83
CA SER A 222 -9.00 28.23 -24.35
C SER A 222 -10.08 27.84 -23.33
N GLY A 223 -11.04 28.75 -23.09
CA GLY A 223 -12.06 28.59 -22.06
C GLY A 223 -13.07 27.50 -22.39
N ASN A 224 -12.92 26.85 -23.56
CA ASN A 224 -13.94 25.96 -24.11
C ASN A 224 -14.02 24.70 -23.23
N HIS A 225 -15.24 24.41 -22.75
CA HIS A 225 -15.46 23.34 -21.80
C HIS A 225 -15.53 21.99 -22.52
N GLU A 226 -16.17 21.99 -23.70
CA GLU A 226 -16.41 20.76 -24.47
C GLU A 226 -15.10 20.23 -25.04
N HIS A 227 -14.24 21.11 -25.57
CA HIS A 227 -12.94 20.70 -26.13
C HIS A 227 -12.07 20.13 -25.02
N ILE A 228 -12.05 20.83 -23.88
CA ILE A 228 -11.24 20.45 -22.71
C ILE A 228 -11.71 19.08 -22.19
N ARG A 229 -13.03 18.88 -22.10
CA ARG A 229 -13.59 17.61 -21.66
C ARG A 229 -13.13 16.49 -22.61
N ARG A 230 -13.18 16.75 -23.92
CA ARG A 230 -12.86 15.74 -24.93
C ARG A 230 -11.37 15.42 -24.87
N TRP A 231 -10.53 16.44 -24.67
CA TRP A 231 -9.08 16.26 -24.74
C TRP A 231 -8.59 15.41 -23.54
N ARG A 232 -9.12 15.74 -22.35
CA ARG A 232 -8.79 15.03 -21.12
C ARG A 232 -9.24 13.56 -21.22
N LEU A 233 -10.45 13.36 -21.74
CA LEU A 233 -10.97 12.01 -21.85
C LEU A 233 -10.06 11.18 -22.75
N GLN A 234 -9.60 11.80 -23.84
CA GLN A 234 -8.79 11.13 -24.84
C GLN A 234 -7.40 10.84 -24.29
N GLN A 235 -6.84 11.78 -23.52
CA GLN A 235 -5.54 11.59 -22.89
C GLN A 235 -5.62 10.43 -21.86
N ALA A 236 -6.72 10.42 -21.11
CA ALA A 236 -6.96 9.39 -20.13
C ALA A 236 -6.95 8.05 -20.84
N LEU A 237 -7.77 7.95 -21.90
CA LEU A 237 -7.90 6.73 -22.69
C LEU A 237 -6.55 6.31 -23.26
N GLY A 238 -5.79 7.29 -23.78
CA GLY A 238 -4.49 7.06 -24.41
C GLY A 238 -3.47 6.47 -23.45
N ARG A 239 -3.33 7.10 -22.28
CA ARG A 239 -2.41 6.62 -21.23
C ARG A 239 -2.83 5.22 -20.73
N THR A 240 -4.14 5.00 -20.55
CA THR A 240 -4.66 3.71 -20.12
C THR A 240 -4.24 2.63 -21.12
N TRP A 241 -4.41 2.93 -22.41
CA TRP A 241 -4.08 2.02 -23.47
C TRP A 241 -2.57 1.77 -23.51
N GLU A 242 -1.79 2.83 -23.31
CA GLU A 242 -0.33 2.77 -23.36
C GLU A 242 0.24 1.92 -22.23
N ARG A 243 -0.27 2.09 -21.00
CA ARG A 243 0.37 1.53 -19.80
C ARG A 243 -0.47 0.44 -19.14
N ARG A 244 -1.81 0.49 -19.26
CA ARG A 244 -2.70 -0.47 -18.56
C ARG A 244 -3.81 -0.95 -19.49
N ALA A 245 -3.42 -1.62 -20.58
CA ALA A 245 -4.37 -2.14 -21.56
C ALA A 245 -5.34 -3.14 -20.90
N ASP A 246 -4.93 -3.70 -19.74
CA ASP A 246 -5.74 -4.68 -19.00
C ASP A 246 -7.01 -4.02 -18.48
N LEU A 247 -6.95 -2.71 -18.19
CA LEU A 247 -8.08 -1.98 -17.69
C LEU A 247 -9.09 -1.76 -18.81
N LEU A 248 -8.62 -1.78 -20.06
CA LEU A 248 -9.46 -1.56 -21.24
C LEU A 248 -10.15 -2.87 -21.67
N ASP A 249 -9.56 -4.00 -21.30
CA ASP A 249 -10.10 -5.30 -21.69
C ASP A 249 -11.24 -5.69 -20.74
N SER A 250 -11.31 -5.04 -19.57
CA SER A 250 -12.36 -5.29 -18.60
C SER A 250 -13.56 -4.39 -18.86
N ARG A 251 -13.30 -3.08 -18.98
CA ARG A 251 -14.33 -2.08 -19.24
C ARG A 251 -14.59 -1.97 -20.75
N SER A 252 -15.83 -2.17 -21.17
CA SER A 252 -16.21 -1.87 -22.56
C SER A 252 -16.43 -0.36 -22.70
N LEU A 253 -16.09 0.18 -23.87
CA LEU A 253 -15.97 1.65 -24.09
C LEU A 253 -17.18 2.15 -24.87
N SER A 254 -17.50 3.44 -24.70
CA SER A 254 -18.52 4.12 -25.48
C SER A 254 -18.02 4.40 -26.90
N GLY A 255 -18.95 4.73 -27.79
CA GLY A 255 -18.64 5.03 -29.18
C GLY A 255 -17.71 6.21 -29.31
N GLU A 256 -17.97 7.26 -28.53
CA GLU A 256 -17.11 8.43 -28.46
C GLU A 256 -15.71 8.05 -27.92
N GLU A 257 -15.70 7.16 -26.91
CA GLU A 257 -14.47 6.70 -26.29
C GLU A 257 -13.62 5.92 -27.30
N GLN A 258 -14.28 5.13 -28.16
CA GLN A 258 -13.57 4.30 -29.13
C GLN A 258 -12.92 5.21 -30.19
N LYS A 259 -13.65 6.24 -30.61
CA LYS A 259 -13.19 7.18 -31.62
C LYS A 259 -12.00 7.96 -31.08
N LEU A 260 -12.15 8.52 -29.86
CA LEU A 260 -11.11 9.32 -29.22
C LEU A 260 -9.83 8.49 -29.01
N LEU A 261 -9.98 7.20 -28.64
CA LEU A 261 -8.80 6.37 -28.42
C LEU A 261 -8.14 6.01 -29.77
N ALA A 262 -8.98 5.72 -30.77
CA ALA A 262 -8.50 5.41 -32.09
C ALA A 262 -7.67 6.59 -32.60
N GLU A 263 -8.20 7.82 -32.46
CA GLU A 263 -7.57 9.03 -32.95
C GLU A 263 -6.23 9.24 -32.22
N TYR A 264 -6.21 8.98 -30.91
CA TYR A 264 -5.00 9.11 -30.10
C TYR A 264 -3.87 8.23 -30.67
N ILE A 265 -4.20 6.97 -30.94
CA ILE A 265 -3.24 5.94 -31.36
C ILE A 265 -2.68 6.28 -32.76
N ARG A 266 -3.58 6.67 -33.67
N ARG A 266 -3.58 6.72 -33.65
CA ARG A 266 -3.22 6.87 -35.08
CA ARG A 266 -3.27 6.90 -35.07
C ARG A 266 -2.47 8.20 -35.26
C ARG A 266 -2.50 8.22 -35.28
N GLN A 267 -2.57 9.11 -34.29
CA GLN A 267 -1.95 10.42 -34.39
C GLN A 267 -0.73 10.52 -33.46
N ARG A 268 -0.18 9.37 -33.06
CA ARG A 268 0.99 9.33 -32.20
C ARG A 268 2.16 8.73 -32.99
N ASP A 269 3.35 9.30 -32.80
CA ASP A 269 4.55 8.78 -33.42
C ASP A 269 4.77 7.37 -32.86
N SER B 22 25.76 4.46 4.73
CA SER B 22 24.50 3.65 4.75
C SER B 22 24.30 2.92 3.42
N MET B 23 23.62 1.77 3.48
CA MET B 23 23.37 1.00 2.29
C MET B 23 22.33 1.70 1.40
N LEU B 24 21.20 2.08 2.00
CA LEU B 24 20.14 2.74 1.25
C LEU B 24 19.92 4.14 1.80
N TRP B 25 19.99 5.11 0.90
CA TRP B 25 19.70 6.50 1.14
C TRP B 25 18.34 6.81 0.51
N VAL B 26 17.38 7.27 1.31
CA VAL B 26 16.08 7.64 0.77
C VAL B 26 15.81 9.11 1.10
N GLY B 27 15.45 9.87 0.07
CA GLY B 27 14.93 11.20 0.20
C GLY B 27 13.47 11.26 -0.23
N VAL B 28 12.62 11.82 0.61
CA VAL B 28 11.21 11.93 0.29
C VAL B 28 10.86 13.41 0.10
N VAL B 29 10.25 13.72 -1.04
CA VAL B 29 9.72 15.02 -1.29
C VAL B 29 8.22 14.98 -0.98
N SER B 30 7.82 15.69 0.08
CA SER B 30 6.45 15.67 0.61
C SER B 30 6.16 16.98 1.35
N ILE B 31 4.91 17.43 1.32
CA ILE B 31 4.47 18.61 2.06
C ILE B 31 4.15 18.23 3.51
N PHE B 32 4.20 16.94 3.83
CA PHE B 32 3.98 16.46 5.20
C PHE B 32 5.16 15.61 5.64
N PRO B 33 6.38 16.17 5.72
CA PRO B 33 7.55 15.38 6.10
C PRO B 33 7.40 14.68 7.46
N GLU B 34 6.62 15.28 8.37
CA GLU B 34 6.54 14.81 9.76
C GLU B 34 5.63 13.58 9.84
N MET B 35 4.87 13.32 8.77
CA MET B 35 4.03 12.12 8.67
C MET B 35 4.91 10.87 8.66
N PHE B 36 6.15 11.00 8.17
CA PHE B 36 7.09 9.91 7.97
C PHE B 36 7.69 9.46 9.30
N ARG B 37 7.17 9.98 10.41
CA ARG B 37 7.54 9.52 11.73
C ARG B 37 6.98 8.11 11.94
N ALA B 38 5.97 7.74 11.14
CA ALA B 38 5.34 6.41 11.16
C ALA B 38 6.34 5.31 10.81
N ILE B 39 7.33 5.59 9.95
CA ILE B 39 8.34 4.57 9.57
C ILE B 39 9.69 4.89 10.22
N SER B 40 9.96 6.16 10.56
CA SER B 40 11.31 6.53 11.09
C SER B 40 11.40 6.18 12.58
N ASP B 41 10.26 6.21 13.29
CA ASP B 41 10.25 6.04 14.73
C ASP B 41 9.76 4.66 15.14
N TYR B 42 9.29 3.82 14.20
CA TYR B 42 8.65 2.54 14.57
C TYR B 42 9.07 1.44 13.60
N GLY B 43 9.10 0.21 14.11
CA GLY B 43 9.25 -0.98 13.28
C GLY B 43 10.67 -1.15 12.79
N ILE B 44 10.84 -1.93 11.73
CA ILE B 44 12.18 -2.30 11.24
C ILE B 44 12.79 -1.12 10.49
N THR B 45 11.95 -0.25 9.91
CA THR B 45 12.47 0.94 9.25
C THR B 45 13.22 1.80 10.28
N SER B 46 12.58 2.00 11.44
CA SER B 46 13.16 2.73 12.54
C SER B 46 14.48 2.12 12.99
N ARG B 47 14.49 0.80 13.16
CA ARG B 47 15.68 0.13 13.68
C ARG B 47 16.74 0.06 12.58
N ALA B 48 16.36 0.12 11.30
CA ALA B 48 17.33 0.15 10.21
C ALA B 48 18.03 1.51 10.17
N VAL B 49 17.28 2.56 10.51
CA VAL B 49 17.80 3.91 10.58
C VAL B 49 18.83 3.97 11.71
N LYS B 50 18.45 3.46 12.88
CA LYS B 50 19.32 3.42 14.05
C LYS B 50 20.62 2.66 13.71
N GLN B 51 20.45 1.46 13.15
CA GLN B 51 21.57 0.57 12.81
C GLN B 51 22.45 1.21 11.73
N GLY B 52 21.88 2.08 10.90
CA GLY B 52 22.62 2.80 9.87
C GLY B 52 22.58 2.10 8.52
N LEU B 53 21.67 1.14 8.36
CA LEU B 53 21.42 0.54 7.06
C LEU B 53 20.66 1.52 6.17
N LEU B 54 19.86 2.38 6.79
CA LEU B 54 18.88 3.20 6.09
C LEU B 54 19.05 4.64 6.53
N THR B 55 19.27 5.54 5.57
CA THR B 55 19.21 6.99 5.79
C THR B 55 17.89 7.51 5.22
N LEU B 56 17.11 8.20 6.06
CA LEU B 56 15.84 8.72 5.67
C LEU B 56 15.84 10.25 5.85
N THR B 57 15.53 10.98 4.77
CA THR B 57 15.49 12.45 4.79
C THR B 57 14.21 12.91 4.11
N CYS B 58 13.70 14.08 4.49
CA CYS B 58 12.53 14.67 3.89
C CYS B 58 12.82 16.10 3.43
N TRP B 59 12.07 16.51 2.39
CA TRP B 59 12.23 17.78 1.72
C TRP B 59 10.83 18.36 1.45
N ASN B 60 10.44 19.38 2.23
CA ASN B 60 9.11 20.00 2.09
C ASN B 60 9.14 21.01 0.95
N PRO B 61 8.44 20.76 -0.19
CA PRO B 61 8.47 21.69 -1.31
C PRO B 61 7.97 23.09 -0.94
N ARG B 62 7.19 23.24 0.14
CA ARG B 62 6.54 24.54 0.48
C ARG B 62 7.60 25.56 0.92
N VAL B 63 8.80 25.07 1.19
CA VAL B 63 9.94 25.81 1.68
C VAL B 63 10.85 26.18 0.50
N TYR B 64 10.42 25.84 -0.73
CA TYR B 64 11.23 26.00 -1.97
C TYR B 64 10.44 26.79 -3.01
N THR B 65 9.33 27.40 -2.60
CA THR B 65 8.53 28.28 -3.44
C THR B 65 9.36 29.52 -3.81
N GLU B 66 8.80 30.36 -4.69
CA GLU B 66 9.45 31.60 -5.13
C GLU B 66 9.64 32.57 -3.95
N ASP B 67 8.55 32.84 -3.24
CA ASP B 67 8.53 33.62 -2.01
C ASP B 67 7.55 32.94 -1.04
N ARG B 68 7.36 33.52 0.15
CA ARG B 68 6.55 32.85 1.19
C ARG B 68 5.08 33.28 1.10
N HIS B 69 4.68 33.93 0.00
CA HIS B 69 3.27 34.29 -0.23
C HIS B 69 2.69 33.39 -1.32
N GLN B 70 3.51 32.46 -1.80
CA GLN B 70 3.18 31.49 -2.84
C GLN B 70 2.90 30.13 -2.18
N THR B 71 1.77 29.49 -2.52
CA THR B 71 1.45 28.14 -2.07
C THR B 71 2.17 27.14 -2.97
N VAL B 72 2.22 25.86 -2.57
CA VAL B 72 2.87 24.82 -3.41
C VAL B 72 1.91 24.42 -4.54
N ASP B 73 0.60 24.63 -4.33
CA ASP B 73 -0.42 24.23 -5.26
C ASP B 73 -1.05 25.48 -5.91
N ASP B 74 -1.83 25.24 -6.96
CA ASP B 74 -2.55 26.29 -7.67
C ASP B 74 -3.68 25.61 -8.45
N ARG B 75 -4.50 26.43 -9.12
CA ARG B 75 -5.69 25.98 -9.81
C ARG B 75 -5.28 25.29 -11.11
N PRO B 76 -5.93 24.16 -11.47
CA PRO B 76 -5.65 23.46 -12.70
C PRO B 76 -6.06 24.29 -13.92
N PHE B 77 -5.18 24.39 -14.92
CA PHE B 77 -5.53 24.95 -16.21
C PHE B 77 -6.65 24.10 -16.83
N GLY B 78 -7.62 24.79 -17.44
CA GLY B 78 -8.77 24.16 -18.06
C GLY B 78 -9.82 23.74 -17.05
N GLY B 79 -9.60 24.09 -15.77
CA GLY B 79 -10.58 23.93 -14.72
C GLY B 79 -10.49 22.56 -14.09
N GLY B 80 -11.64 22.04 -13.67
CA GLY B 80 -11.76 20.76 -13.02
C GLY B 80 -11.71 20.89 -11.50
N PRO B 81 -11.99 19.79 -10.76
CA PRO B 81 -11.95 19.83 -9.30
C PRO B 81 -10.50 19.99 -8.85
N GLY B 82 -10.33 20.33 -7.57
CA GLY B 82 -9.05 20.22 -6.90
C GLY B 82 -8.02 21.22 -7.39
N MET B 83 -6.80 21.06 -6.85
CA MET B 83 -5.64 21.87 -7.15
C MET B 83 -4.52 20.94 -7.67
N VAL B 84 -3.45 21.54 -8.21
CA VAL B 84 -2.32 20.80 -8.78
C VAL B 84 -1.05 21.35 -8.13
N MET B 85 -0.03 20.49 -7.96
CA MET B 85 1.23 20.92 -7.41
C MET B 85 2.09 21.54 -8.51
N LYS B 86 2.56 22.77 -8.25
CA LYS B 86 3.37 23.53 -9.18
C LYS B 86 4.76 22.92 -9.29
N ILE B 87 5.41 23.19 -10.41
CA ILE B 87 6.68 22.55 -10.75
C ILE B 87 7.83 23.25 -9.99
N LYS B 88 7.73 24.56 -9.78
CA LYS B 88 8.89 25.33 -9.24
C LYS B 88 9.28 24.76 -7.88
N PRO B 89 8.33 24.64 -6.91
CA PRO B 89 8.63 24.09 -5.58
C PRO B 89 9.24 22.68 -5.64
N LEU B 90 8.63 21.79 -6.43
CA LEU B 90 9.08 20.40 -6.56
C LEU B 90 10.49 20.38 -7.12
N GLU B 91 10.77 21.27 -8.06
CA GLU B 91 12.08 21.33 -8.74
C GLU B 91 13.17 21.71 -7.72
N GLY B 92 12.86 22.69 -6.88
CA GLY B 92 13.77 23.13 -5.82
C GLY B 92 14.10 22.01 -4.85
N ALA B 93 13.06 21.37 -4.31
CA ALA B 93 13.20 20.33 -3.31
C ALA B 93 14.07 19.19 -3.85
N LEU B 94 13.84 18.83 -5.13
CA LEU B 94 14.52 17.72 -5.79
C LEU B 94 15.99 18.05 -6.01
N ALA B 95 16.27 19.31 -6.37
CA ALA B 95 17.66 19.80 -6.50
C ALA B 95 18.39 19.65 -5.16
N ASP B 96 17.73 20.02 -4.06
CA ASP B 96 18.30 19.91 -2.72
C ASP B 96 18.57 18.43 -2.39
N ALA B 97 17.55 17.58 -2.56
CA ALA B 97 17.69 16.14 -2.28
C ALA B 97 18.83 15.53 -3.11
N ARG B 98 18.90 15.91 -4.39
CA ARG B 98 19.91 15.35 -5.32
C ARG B 98 21.31 15.69 -4.82
N GLN B 99 21.46 16.94 -4.38
CA GLN B 99 22.69 17.45 -3.87
C GLN B 99 23.10 16.68 -2.61
N ALA B 100 22.13 16.46 -1.71
CA ALA B 100 22.36 15.75 -0.43
C ALA B 100 22.81 14.31 -0.64
N ALA B 101 22.26 13.64 -1.67
CA ALA B 101 22.58 12.24 -1.99
C ALA B 101 24.05 12.12 -2.40
N GLY B 102 24.63 13.23 -2.90
CA GLY B 102 26.07 13.36 -3.09
C GLY B 102 26.53 12.50 -4.25
N GLY B 103 27.47 11.59 -3.97
CA GLY B 103 28.09 10.74 -4.97
C GLY B 103 27.18 9.65 -5.51
N ARG B 104 26.06 9.41 -4.82
CA ARG B 104 25.22 8.25 -5.07
C ARG B 104 24.37 8.45 -6.33
N LYS B 105 24.16 7.35 -7.05
CA LYS B 105 23.20 7.22 -8.14
C LYS B 105 21.78 7.15 -7.56
N ALA B 106 21.06 8.26 -7.63
CA ALA B 106 19.69 8.35 -7.11
C ALA B 106 18.68 8.15 -8.25
N LYS B 107 17.67 7.33 -7.98
CA LYS B 107 16.60 7.10 -8.90
C LYS B 107 15.38 7.90 -8.39
N VAL B 108 14.78 8.72 -9.25
CA VAL B 108 13.65 9.58 -8.85
C VAL B 108 12.35 8.86 -9.20
N ILE B 109 11.55 8.54 -8.18
CA ILE B 109 10.34 7.77 -8.34
C ILE B 109 9.16 8.68 -7.96
N TYR B 110 8.17 8.75 -8.84
CA TYR B 110 6.88 9.32 -8.53
C TYR B 110 5.89 8.20 -8.21
N LEU B 111 5.22 8.31 -7.06
CA LEU B 111 4.18 7.36 -6.63
C LEU B 111 2.86 7.76 -7.28
N SER B 112 2.36 6.93 -8.20
CA SER B 112 1.17 7.29 -8.96
C SER B 112 0.37 6.05 -9.36
N PRO B 113 -0.96 6.17 -9.51
CA PRO B 113 -1.77 5.04 -10.01
C PRO B 113 -1.44 4.69 -11.47
N GLN B 114 -0.77 5.62 -12.19
CA GLN B 114 -0.36 5.43 -13.58
C GLN B 114 0.98 4.68 -13.65
N GLY B 115 1.54 4.33 -12.50
CA GLY B 115 2.86 3.70 -12.45
C GLY B 115 2.80 2.19 -12.60
N ARG B 116 3.97 1.60 -12.76
CA ARG B 116 4.21 0.18 -12.71
C ARG B 116 3.67 -0.37 -11.38
N GLN B 117 2.99 -1.52 -11.43
CA GLN B 117 2.49 -2.21 -10.25
C GLN B 117 3.68 -2.70 -9.42
N LEU B 118 3.73 -2.32 -8.14
CA LEU B 118 4.77 -2.80 -7.25
C LEU B 118 4.49 -4.27 -6.92
N THR B 119 5.53 -5.09 -7.09
CA THR B 119 5.47 -6.48 -6.72
C THR B 119 6.75 -6.80 -5.97
N GLN B 120 6.81 -7.98 -5.37
CA GLN B 120 7.97 -8.34 -4.58
C GLN B 120 9.22 -8.38 -5.48
N ALA B 121 9.05 -8.78 -6.75
CA ALA B 121 10.14 -8.77 -7.73
C ALA B 121 10.69 -7.34 -7.86
N GLY B 122 9.74 -6.38 -8.02
CA GLY B 122 10.05 -4.97 -8.14
C GLY B 122 10.77 -4.43 -6.91
N VAL B 123 10.42 -5.00 -5.74
CA VAL B 123 10.94 -4.56 -4.49
C VAL B 123 12.41 -4.96 -4.38
N ARG B 124 12.72 -6.20 -4.77
CA ARG B 124 14.11 -6.75 -4.76
C ARG B 124 15.02 -5.86 -5.62
N GLU B 125 14.50 -5.41 -6.76
CA GLU B 125 15.23 -4.60 -7.70
C GLU B 125 15.47 -3.21 -7.12
N LEU B 126 14.46 -2.68 -6.43
CA LEU B 126 14.52 -1.37 -5.86
C LEU B 126 15.53 -1.36 -4.71
N ALA B 127 15.77 -2.53 -4.11
CA ALA B 127 16.66 -2.64 -2.96
C ALA B 127 18.13 -2.72 -3.41
N GLU B 128 18.38 -2.71 -4.71
CA GLU B 128 19.74 -2.74 -5.21
C GLU B 128 20.23 -1.32 -5.46
N GLU B 129 19.34 -0.33 -5.37
CA GLU B 129 19.69 1.05 -5.62
C GLU B 129 20.45 1.60 -4.41
N GLU B 130 21.30 2.61 -4.68
CA GLU B 130 22.10 3.27 -3.69
C GLU B 130 21.27 4.36 -3.01
N ALA B 131 20.48 5.07 -3.81
CA ALA B 131 19.65 6.16 -3.34
C ALA B 131 18.34 6.19 -4.13
N LEU B 132 17.24 6.49 -3.43
CA LEU B 132 15.93 6.72 -4.01
C LEU B 132 15.44 8.11 -3.57
N ILE B 133 14.90 8.89 -4.49
CA ILE B 133 14.18 10.11 -4.17
C ILE B 133 12.71 9.89 -4.53
N LEU B 134 11.82 9.95 -3.54
CA LEU B 134 10.41 9.63 -3.75
C LEU B 134 9.59 10.93 -3.74
N ILE B 135 8.82 11.18 -4.81
CA ILE B 135 7.93 12.31 -4.86
C ILE B 135 6.54 11.82 -4.48
N ALA B 136 6.03 12.38 -3.38
CA ALA B 136 4.69 12.20 -2.94
C ALA B 136 3.89 13.41 -3.37
N GLY B 137 2.95 13.21 -4.26
CA GLY B 137 2.03 14.21 -4.66
C GLY B 137 0.86 14.32 -3.71
N ARG B 138 0.16 15.44 -3.81
CA ARG B 138 -1.05 15.70 -3.11
C ARG B 138 -2.04 16.30 -4.12
N TYR B 139 -3.27 16.57 -3.67
CA TYR B 139 -4.30 17.17 -4.51
C TYR B 139 -4.55 16.26 -5.73
N GLU B 140 -4.62 16.84 -6.93
CA GLU B 140 -4.90 16.13 -8.16
C GLU B 140 -3.63 15.48 -8.72
N GLY B 141 -2.48 16.03 -8.36
CA GLY B 141 -1.21 15.50 -8.76
C GLY B 141 -0.22 16.61 -9.00
N ILE B 142 0.90 16.26 -9.62
CA ILE B 142 1.91 17.21 -9.90
C ILE B 142 1.86 17.58 -11.38
N ASP B 143 2.42 18.74 -11.70
CA ASP B 143 2.45 19.27 -13.05
C ASP B 143 3.15 18.26 -13.96
N GLU B 144 2.52 17.97 -15.11
CA GLU B 144 2.98 16.91 -16.00
C GLU B 144 4.41 17.22 -16.48
N ARG B 145 4.76 18.52 -16.55
CA ARG B 145 6.06 18.96 -17.05
C ARG B 145 7.17 18.56 -16.07
N PHE B 146 6.84 18.47 -14.78
CA PHE B 146 7.81 18.04 -13.80
C PHE B 146 8.13 16.56 -14.01
N ILE B 147 7.10 15.76 -14.31
CA ILE B 147 7.22 14.33 -14.48
C ILE B 147 8.04 14.07 -15.73
N GLU B 148 7.64 14.76 -16.82
CA GLU B 148 8.28 14.64 -18.15
C GLU B 148 9.80 14.83 -18.00
N GLU B 149 10.18 15.79 -17.14
CA GLU B 149 11.54 16.25 -17.07
C GLU B 149 12.38 15.44 -16.08
N HIS B 150 11.85 15.17 -14.87
CA HIS B 150 12.69 14.78 -13.74
C HIS B 150 12.44 13.33 -13.24
N VAL B 151 11.32 12.71 -13.61
CA VAL B 151 10.95 11.45 -12.97
C VAL B 151 11.52 10.28 -13.80
N ASP B 152 12.28 9.42 -13.13
CA ASP B 152 12.91 8.25 -13.73
C ASP B 152 11.92 7.07 -13.82
N GLU B 153 11.14 6.85 -12.76
CA GLU B 153 10.22 5.69 -12.68
C GLU B 153 8.92 6.11 -11.97
N GLU B 154 7.79 5.59 -12.47
CA GLU B 154 6.52 5.72 -11.82
C GLU B 154 6.09 4.35 -11.29
N TRP B 155 5.72 4.29 -10.01
CA TRP B 155 5.30 3.06 -9.35
C TRP B 155 3.95 3.26 -8.66
N SER B 156 3.11 2.23 -8.74
CA SER B 156 1.80 2.17 -8.09
C SER B 156 1.83 1.03 -7.07
N ILE B 157 1.24 1.26 -5.90
CA ILE B 157 1.17 0.24 -4.85
C ILE B 157 -0.10 -0.59 -5.01
N GLY B 158 -1.05 -0.11 -5.82
CA GLY B 158 -2.21 -0.88 -6.17
C GLY B 158 -3.23 -0.06 -6.94
N ASP B 159 -4.27 -0.73 -7.46
CA ASP B 159 -5.27 -0.12 -8.32
C ASP B 159 -6.38 0.46 -7.45
N TYR B 160 -6.03 1.49 -6.69
CA TYR B 160 -6.99 2.22 -5.88
C TYR B 160 -6.46 3.65 -5.74
N VAL B 161 -7.35 4.58 -5.37
CA VAL B 161 -7.00 5.97 -5.29
C VAL B 161 -6.94 6.42 -3.82
N LEU B 162 -5.79 7.00 -3.48
CA LEU B 162 -5.54 7.61 -2.18
C LEU B 162 -5.50 9.14 -2.33
N SER B 163 -5.44 9.82 -1.20
CA SER B 163 -5.47 11.28 -1.12
C SER B 163 -4.07 11.86 -1.35
N GLY B 164 -3.04 11.01 -1.22
CA GLY B 164 -1.65 11.45 -1.46
C GLY B 164 -0.69 10.29 -1.58
N GLY B 165 0.57 10.60 -1.90
CA GLY B 165 1.61 9.58 -2.13
C GLY B 165 2.48 9.27 -0.92
N GLU B 166 2.11 9.80 0.26
CA GLU B 166 2.90 9.61 1.44
C GLU B 166 2.83 8.14 1.90
N LEU B 167 1.63 7.57 1.99
CA LEU B 167 1.50 6.15 2.41
C LEU B 167 2.15 5.23 1.37
N PRO B 168 1.91 5.42 0.05
CA PRO B 168 2.63 4.64 -0.97
C PRO B 168 4.15 4.68 -0.81
N ALA B 169 4.69 5.87 -0.58
CA ALA B 169 6.12 6.07 -0.36
C ALA B 169 6.59 5.23 0.83
N MET B 170 5.80 5.25 1.91
CA MET B 170 6.15 4.57 3.17
C MET B 170 6.09 3.06 2.97
N VAL B 171 5.11 2.62 2.19
CA VAL B 171 4.96 1.21 1.81
C VAL B 171 6.25 0.78 1.10
N LEU B 172 6.65 1.54 0.09
CA LEU B 172 7.83 1.25 -0.69
C LEU B 172 9.06 1.16 0.22
N VAL B 173 9.27 2.14 1.10
CA VAL B 173 10.45 2.15 1.99
C VAL B 173 10.43 0.91 2.91
N ASP B 174 9.25 0.58 3.44
CA ASP B 174 9.10 -0.56 4.36
C ASP B 174 9.51 -1.86 3.67
N ALA B 175 8.96 -2.09 2.47
CA ALA B 175 9.18 -3.31 1.72
C ALA B 175 10.66 -3.46 1.36
N VAL B 176 11.29 -2.36 0.95
CA VAL B 176 12.66 -2.37 0.53
C VAL B 176 13.58 -2.60 1.74
N THR B 177 13.26 -1.95 2.87
CA THR B 177 14.10 -1.99 4.05
C THR B 177 14.17 -3.43 4.62
N ARG B 178 13.13 -4.22 4.38
CA ARG B 178 13.07 -5.61 4.83
C ARG B 178 14.18 -6.46 4.20
N LEU B 179 14.60 -6.07 2.99
CA LEU B 179 15.53 -6.85 2.17
C LEU B 179 16.96 -6.38 2.39
N LEU B 180 17.17 -5.45 3.33
CA LEU B 180 18.51 -4.94 3.56
C LEU B 180 19.25 -5.91 4.49
N PRO B 181 20.43 -6.39 4.07
CA PRO B 181 21.18 -7.39 4.83
C PRO B 181 21.30 -6.99 6.30
N GLY B 182 20.60 -7.76 7.16
CA GLY B 182 20.67 -7.64 8.60
C GLY B 182 19.58 -6.75 9.18
N ALA B 183 18.49 -6.57 8.43
CA ALA B 183 17.40 -5.70 8.86
C ALA B 183 16.49 -6.44 9.83
N LEU B 184 16.21 -7.71 9.51
CA LEU B 184 15.39 -8.57 10.30
C LEU B 184 16.30 -9.41 11.23
N ASP B 188 10.85 -12.56 10.97
CA ASP B 188 10.61 -13.38 9.78
C ASP B 188 11.90 -13.43 8.94
N SER B 189 11.78 -13.92 7.68
CA SER B 189 12.91 -14.03 6.77
C SER B 189 12.49 -13.56 5.36
N ALA B 190 13.36 -12.77 4.72
CA ALA B 190 13.10 -12.08 3.45
C ALA B 190 13.01 -13.05 2.27
N GLU B 191 13.62 -14.24 2.41
CA GLU B 191 13.74 -15.26 1.31
C GLU B 191 12.78 -16.45 1.55
N GLU B 192 11.80 -16.27 2.45
CA GLU B 192 10.85 -17.36 2.79
C GLU B 192 9.39 -16.86 2.79
N ASP B 193 9.20 -15.55 2.58
CA ASP B 193 7.88 -14.91 2.69
C ASP B 193 7.05 -15.19 1.42
N SER B 194 5.87 -14.57 1.33
CA SER B 194 4.96 -14.73 0.18
C SER B 194 5.58 -14.05 -1.04
N PHE B 195 5.22 -14.55 -2.23
CA PHE B 195 5.58 -14.07 -3.59
C PHE B 195 7.04 -14.38 -3.97
N THR B 196 7.86 -14.86 -3.03
CA THR B 196 9.28 -15.09 -3.24
C THR B 196 9.47 -16.24 -4.24
N ASP B 197 8.81 -17.38 -3.95
CA ASP B 197 8.91 -18.57 -4.78
C ASP B 197 7.73 -18.62 -5.74
N GLY B 198 6.98 -17.52 -5.86
CA GLY B 198 5.79 -17.43 -6.72
C GLY B 198 4.52 -17.92 -6.03
N LEU B 199 4.62 -18.21 -4.73
CA LEU B 199 3.55 -18.85 -3.98
C LEU B 199 3.16 -17.94 -2.81
N LEU B 200 1.98 -18.20 -2.23
CA LEU B 200 1.58 -17.63 -0.97
C LEU B 200 2.25 -18.41 0.16
N ASP B 201 2.21 -17.84 1.37
CA ASP B 201 2.81 -18.43 2.55
C ASP B 201 1.90 -19.54 3.12
N CYS B 202 2.51 -20.43 3.90
CA CYS B 202 1.83 -21.43 4.70
C CYS B 202 1.23 -20.77 5.95
N PRO B 203 0.30 -21.43 6.67
CA PRO B 203 -0.20 -20.91 7.93
C PRO B 203 0.87 -21.05 9.01
N HIS B 204 0.72 -20.25 10.07
CA HIS B 204 1.65 -20.25 11.19
C HIS B 204 0.87 -20.54 12.47
N TYR B 205 1.56 -21.22 13.40
CA TYR B 205 0.97 -21.66 14.67
C TYR B 205 1.97 -21.37 15.80
N THR B 206 1.43 -21.05 16.98
CA THR B 206 2.23 -20.94 18.22
C THR B 206 1.33 -21.31 19.41
N ARG B 207 1.90 -21.21 20.62
CA ARG B 207 1.28 -21.70 21.85
C ARG B 207 -0.10 -21.03 22.01
N PRO B 208 -1.09 -21.78 22.49
CA PRO B 208 -0.95 -23.13 23.00
C PRO B 208 -1.21 -24.21 21.95
N GLU B 209 -0.99 -25.48 22.32
CA GLU B 209 -1.22 -26.64 21.45
C GLU B 209 -2.68 -26.68 20.99
N VAL B 210 -3.60 -26.39 21.90
CA VAL B 210 -5.03 -26.42 21.61
C VAL B 210 -5.63 -25.08 22.05
N TYR B 211 -6.49 -24.52 21.21
CA TYR B 211 -7.15 -23.24 21.51
C TYR B 211 -8.52 -23.23 20.82
N ALA B 212 -9.58 -23.00 21.60
CA ALA B 212 -10.95 -22.95 21.06
C ALA B 212 -11.24 -24.21 20.25
N ASP B 213 -10.91 -25.37 20.85
CA ASP B 213 -11.21 -26.72 20.34
C ASP B 213 -10.56 -26.92 18.97
N LYS B 214 -9.37 -26.33 18.77
CA LYS B 214 -8.59 -26.38 17.53
C LYS B 214 -7.13 -26.68 17.88
N ARG B 215 -6.59 -27.78 17.34
CA ARG B 215 -5.24 -28.22 17.68
C ARG B 215 -4.27 -27.82 16.56
N VAL B 216 -3.02 -27.58 16.95
CA VAL B 216 -1.92 -27.42 16.02
C VAL B 216 -1.75 -28.71 15.23
N PRO B 217 -1.68 -28.66 13.89
CA PRO B 217 -1.40 -29.84 13.08
C PRO B 217 -0.21 -30.65 13.63
N GLU B 218 -0.41 -31.98 13.73
CA GLU B 218 0.51 -32.88 14.43
C GLU B 218 1.90 -32.81 13.79
N VAL B 219 1.93 -32.62 12.47
CA VAL B 219 3.17 -32.60 11.69
C VAL B 219 4.18 -31.61 12.30
N LEU B 220 3.67 -30.51 12.88
CA LEU B 220 4.51 -29.42 13.39
C LEU B 220 4.99 -29.73 14.81
N LEU B 221 4.35 -30.71 15.47
CA LEU B 221 4.65 -31.05 16.86
C LEU B 221 5.64 -32.23 16.91
N SER B 222 5.36 -33.28 16.12
CA SER B 222 6.07 -34.55 16.21
C SER B 222 6.99 -34.74 15.00
N GLY B 223 6.64 -34.11 13.87
CA GLY B 223 7.24 -34.40 12.57
C GLY B 223 8.72 -34.04 12.51
N ASN B 224 9.42 -34.60 11.52
CA ASN B 224 10.79 -34.29 11.23
C ASN B 224 10.81 -33.09 10.28
N HIS B 225 12.02 -32.63 9.93
CA HIS B 225 12.19 -31.40 9.16
C HIS B 225 11.74 -31.60 7.70
N GLU B 226 11.87 -32.84 7.19
CA GLU B 226 11.44 -33.17 5.82
C GLU B 226 9.91 -33.15 5.73
N HIS B 227 9.24 -33.70 6.76
CA HIS B 227 7.77 -33.75 6.81
C HIS B 227 7.22 -32.33 6.82
N ILE B 228 7.82 -31.48 7.66
CA ILE B 228 7.37 -30.11 7.86
C ILE B 228 7.59 -29.30 6.59
N ARG B 229 8.76 -29.45 5.94
CA ARG B 229 9.04 -28.76 4.67
C ARG B 229 7.94 -29.10 3.65
N ARG B 230 7.63 -30.41 3.54
CA ARG B 230 6.69 -30.91 2.55
C ARG B 230 5.29 -30.41 2.89
N TRP B 231 4.97 -30.37 4.18
CA TRP B 231 3.66 -29.94 4.64
C TRP B 231 3.45 -28.44 4.35
N ARG B 232 4.49 -27.64 4.64
CA ARG B 232 4.43 -26.20 4.44
C ARG B 232 4.34 -25.89 2.94
N LEU B 233 5.05 -26.65 2.11
CA LEU B 233 5.03 -26.44 0.66
C LEU B 233 3.64 -26.74 0.12
N GLN B 234 3.00 -27.78 0.69
CA GLN B 234 1.71 -28.25 0.22
C GLN B 234 0.63 -27.21 0.58
N GLN B 235 0.72 -26.67 1.80
CA GLN B 235 -0.16 -25.62 2.27
C GLN B 235 0.01 -24.36 1.41
N ALA B 236 1.26 -24.02 1.11
CA ALA B 236 1.56 -22.87 0.28
C ALA B 236 0.85 -23.05 -1.07
N LEU B 237 1.07 -24.21 -1.69
CA LEU B 237 0.49 -24.52 -3.00
C LEU B 237 -1.04 -24.46 -2.91
N GLY B 238 -1.60 -25.04 -1.85
CA GLY B 238 -3.04 -25.18 -1.68
C GLY B 238 -3.73 -23.84 -1.53
N ARG B 239 -3.19 -22.99 -0.63
CA ARG B 239 -3.70 -21.62 -0.43
C ARG B 239 -3.59 -20.81 -1.72
N THR B 240 -2.46 -20.93 -2.43
CA THR B 240 -2.27 -20.21 -3.70
C THR B 240 -3.36 -20.64 -4.68
N TRP B 241 -3.58 -21.96 -4.79
CA TRP B 241 -4.60 -22.52 -5.65
C TRP B 241 -5.99 -21.99 -5.28
N GLU B 242 -6.28 -21.93 -3.99
CA GLU B 242 -7.61 -21.52 -3.50
C GLU B 242 -7.85 -20.04 -3.81
N ARG B 243 -6.88 -19.18 -3.44
CA ARG B 243 -7.07 -17.72 -3.42
C ARG B 243 -6.44 -17.05 -4.66
N ARG B 244 -5.30 -17.56 -5.16
CA ARG B 244 -4.48 -16.85 -6.17
C ARG B 244 -3.97 -17.80 -7.25
N ALA B 245 -4.88 -18.44 -7.99
CA ALA B 245 -4.49 -19.36 -9.06
C ALA B 245 -3.71 -18.63 -10.17
N ASP B 246 -3.90 -17.31 -10.30
CA ASP B 246 -3.18 -16.49 -11.29
C ASP B 246 -1.68 -16.57 -11.03
N LEU B 247 -1.29 -16.77 -9.77
CA LEU B 247 0.10 -16.88 -9.44
C LEU B 247 0.64 -18.21 -9.95
N LEU B 248 -0.22 -19.22 -10.03
CA LEU B 248 0.17 -20.58 -10.45
C LEU B 248 0.21 -20.68 -11.99
N ASP B 249 -0.44 -19.75 -12.68
CA ASP B 249 -0.41 -19.74 -14.13
C ASP B 249 0.93 -19.17 -14.64
N SER B 250 1.58 -18.35 -13.81
CA SER B 250 2.82 -17.69 -14.18
C SER B 250 4.02 -18.56 -13.79
N ARG B 251 4.03 -19.04 -12.54
CA ARG B 251 5.01 -20.00 -12.05
C ARG B 251 4.49 -21.41 -12.33
N SER B 252 5.26 -22.23 -13.05
CA SER B 252 4.80 -23.59 -13.34
C SER B 252 4.86 -24.47 -12.08
N LEU B 253 4.19 -25.62 -12.13
CA LEU B 253 4.29 -26.63 -11.05
C LEU B 253 5.23 -27.76 -11.48
N SER B 254 6.10 -28.19 -10.54
CA SER B 254 6.90 -29.42 -10.72
C SER B 254 6.03 -30.66 -10.45
N GLY B 255 6.61 -31.84 -10.72
CA GLY B 255 5.92 -33.11 -10.55
C GLY B 255 5.50 -33.34 -9.11
N GLU B 256 6.43 -33.10 -8.17
CA GLU B 256 6.17 -33.22 -6.75
C GLU B 256 5.11 -32.19 -6.33
N GLU B 257 5.19 -30.98 -6.88
CA GLU B 257 4.27 -29.92 -6.49
C GLU B 257 2.87 -30.24 -7.00
N GLN B 258 2.76 -30.88 -8.15
CA GLN B 258 1.45 -31.24 -8.72
C GLN B 258 0.81 -32.33 -7.87
N LYS B 259 1.61 -33.30 -7.41
CA LYS B 259 1.13 -34.38 -6.59
C LYS B 259 0.67 -33.83 -5.23
N LEU B 260 1.51 -33.00 -4.59
CA LEU B 260 1.21 -32.34 -3.31
C LEU B 260 -0.05 -31.48 -3.43
N LEU B 261 -0.22 -30.79 -4.55
CA LEU B 261 -1.39 -29.93 -4.73
C LEU B 261 -2.64 -30.78 -4.99
N ALA B 262 -2.49 -31.85 -5.75
CA ALA B 262 -3.62 -32.74 -6.01
C ALA B 262 -4.12 -33.31 -4.68
N GLU B 263 -3.18 -33.76 -3.83
CA GLU B 263 -3.49 -34.34 -2.54
C GLU B 263 -4.16 -33.28 -1.65
N TYR B 264 -3.69 -32.04 -1.72
CA TYR B 264 -4.28 -30.95 -0.94
C TYR B 264 -5.75 -30.79 -1.29
N ILE B 265 -6.03 -30.71 -2.59
CA ILE B 265 -7.38 -30.45 -3.15
C ILE B 265 -8.35 -31.58 -2.75
N ARG B 266 -7.86 -32.82 -2.76
CA ARG B 266 -8.67 -34.00 -2.50
C ARG B 266 -8.87 -34.22 -0.99
N GLN B 267 -8.04 -33.58 -0.16
CA GLN B 267 -8.17 -33.71 1.30
C GLN B 267 -8.74 -32.43 1.91
N ARG B 268 -9.06 -31.46 1.04
CA ARG B 268 -9.65 -30.15 1.40
C ARG B 268 -10.78 -30.34 2.41
N ASP B 269 -11.78 -31.16 2.04
CA ASP B 269 -12.92 -31.51 2.91
C ASP B 269 -12.49 -31.52 4.38
#